data_1G2I
#
_entry.id   1G2I
#
_cell.length_a   124.700
_cell.length_b   124.700
_cell.length_c   129.000
_cell.angle_alpha   90.00
_cell.angle_beta   90.00
_cell.angle_gamma   90.00
#
_symmetry.space_group_name_H-M   'P 41 21 2'
#
loop_
_entity.id
_entity.type
_entity.pdbx_description
1 polymer 'PROTEASE I'
2 non-polymer 'SULFATE ION'
3 water water
#
_entity_poly.entity_id   1
_entity_poly.type   'polypeptide(L)'
_entity_poly.pdbx_seq_one_letter_code
;(MSE)KVLFLTANEFEDVELIYPYHRLKEEGHEVYIASFERGTITGKHGYSVKVDLTFDKVNPEEFDALVLPGGRAPERV
RLNEKAVSIARK(MSE)FSEGKPVASICHGPQILISAGVLRGRKGTSYPGIKDD(MSE)INAGVEWVDAEVVVDGNWVSS
RVPADLYAW(MSE)REFVKLLK
;
_entity_poly.pdbx_strand_id   A,B,C
#
loop_
_chem_comp.id
_chem_comp.type
_chem_comp.name
_chem_comp.formula
SO4 non-polymer 'SULFATE ION' 'O4 S -2'
#
# COMPACT_ATOMS: atom_id res chain seq x y z
N MSE A 1 -12.30 3.40 -23.07
CA MSE A 1 -12.68 2.14 -22.35
C MSE A 1 -13.07 2.48 -20.92
O MSE A 1 -12.47 3.37 -20.30
CB MSE A 1 -11.49 1.17 -22.38
CG MSE A 1 -11.80 -0.21 -21.85
SE MSE A 1 -10.56 -1.45 -22.33
CE MSE A 1 -11.09 -1.78 -24.03
N LYS A 2 -14.08 1.80 -20.39
CA LYS A 2 -14.54 2.05 -19.04
C LYS A 2 -13.86 1.12 -18.04
N VAL A 3 -13.13 1.71 -17.11
CA VAL A 3 -12.38 0.95 -16.10
C VAL A 3 -13.04 1.04 -14.73
N LEU A 4 -13.31 -0.12 -14.13
CA LEU A 4 -13.94 -0.19 -12.82
C LEU A 4 -12.92 -0.49 -11.74
N PHE A 5 -13.08 0.16 -10.59
CA PHE A 5 -12.22 -0.07 -9.44
C PHE A 5 -13.07 -0.66 -8.33
N LEU A 6 -12.60 -1.74 -7.72
CA LEU A 6 -13.31 -2.37 -6.60
C LEU A 6 -12.45 -2.08 -5.39
N THR A 7 -12.95 -1.26 -4.47
CA THR A 7 -12.18 -0.89 -3.30
C THR A 7 -13.09 -0.48 -2.13
N ALA A 8 -12.49 0.06 -1.07
CA ALA A 8 -13.26 0.48 0.10
C ALA A 8 -12.36 1.28 1.05
N ASN A 9 -12.91 1.65 2.22
CA ASN A 9 -12.13 2.38 3.21
C ASN A 9 -10.84 1.62 3.50
N GLU A 10 -9.77 2.37 3.78
CA GLU A 10 -8.47 1.78 4.08
C GLU A 10 -7.71 1.24 2.88
N PHE A 11 -8.03 1.75 1.69
CA PHE A 11 -7.32 1.34 0.49
C PHE A 11 -5.95 2.02 0.56
N GLU A 12 -4.95 1.45 -0.11
CA GLU A 12 -3.63 2.08 -0.12
C GLU A 12 -3.80 3.26 -1.06
N ASP A 13 -3.78 4.46 -0.50
CA ASP A 13 -3.99 5.70 -1.25
C ASP A 13 -3.40 5.79 -2.66
N VAL A 14 -2.07 5.68 -2.78
CA VAL A 14 -1.47 5.81 -4.09
C VAL A 14 -1.79 4.67 -5.07
N GLU A 15 -2.11 3.49 -4.53
CA GLU A 15 -2.43 2.36 -5.41
C GLU A 15 -3.79 2.52 -6.06
N LEU A 16 -4.55 3.50 -5.57
CA LEU A 16 -5.86 3.77 -6.16
C LEU A 16 -5.74 5.04 -7.00
N ILE A 17 -5.18 6.09 -6.41
CA ILE A 17 -5.02 7.38 -7.10
C ILE A 17 -4.11 7.35 -8.33
N TYR A 18 -3.00 6.62 -8.28
CA TYR A 18 -2.09 6.57 -9.41
C TYR A 18 -2.74 5.99 -10.68
N PRO A 19 -3.29 4.76 -10.60
CA PRO A 19 -3.91 4.19 -11.78
C PRO A 19 -5.14 4.97 -12.24
N TYR A 20 -5.83 5.59 -11.29
CA TYR A 20 -7.01 6.38 -11.60
C TYR A 20 -6.64 7.49 -12.59
N HIS A 21 -5.62 8.27 -12.24
CA HIS A 21 -5.20 9.36 -13.12
C HIS A 21 -4.44 8.87 -14.35
N ARG A 22 -3.58 7.86 -14.16
CA ARG A 22 -2.80 7.36 -15.29
C ARG A 22 -3.72 6.88 -16.42
N LEU A 23 -4.84 6.27 -16.07
CA LEU A 23 -5.77 5.78 -17.07
C LEU A 23 -6.61 6.93 -17.64
N LYS A 24 -6.94 7.92 -16.80
CA LYS A 24 -7.73 9.06 -17.29
C LYS A 24 -6.91 9.80 -18.33
N GLU A 25 -5.59 9.80 -18.16
CA GLU A 25 -4.70 10.47 -19.10
C GLU A 25 -4.95 9.92 -20.51
N GLU A 26 -5.12 8.62 -20.60
CA GLU A 26 -5.34 7.94 -21.87
C GLU A 26 -6.72 8.18 -22.47
N GLY A 27 -7.63 8.74 -21.68
CA GLY A 27 -8.97 9.00 -22.18
C GLY A 27 -9.98 7.97 -21.70
N HIS A 28 -9.54 7.05 -20.86
CA HIS A 28 -10.42 6.02 -20.32
C HIS A 28 -11.30 6.61 -19.22
N GLU A 29 -12.52 6.12 -19.13
CA GLU A 29 -13.44 6.59 -18.10
C GLU A 29 -13.19 5.68 -16.90
N VAL A 30 -13.02 6.28 -15.72
CA VAL A 30 -12.74 5.53 -14.51
C VAL A 30 -13.89 5.62 -13.52
N TYR A 31 -14.24 4.50 -12.90
CA TYR A 31 -15.34 4.46 -11.93
C TYR A 31 -14.92 3.79 -10.63
N ILE A 32 -15.32 4.39 -9.50
CA ILE A 32 -14.99 3.83 -8.20
C ILE A 32 -16.22 3.16 -7.59
N ALA A 33 -16.12 1.85 -7.36
CA ALA A 33 -17.23 1.10 -6.76
C ALA A 33 -16.82 0.67 -5.36
N SER A 34 -17.77 0.74 -4.42
CA SER A 34 -17.52 0.35 -3.05
C SER A 34 -18.83 -0.10 -2.40
N PHE A 35 -18.80 -0.37 -1.10
CA PHE A 35 -19.99 -0.81 -0.38
C PHE A 35 -21.15 0.17 -0.43
N GLU A 36 -20.89 1.44 -0.17
CA GLU A 36 -21.94 2.45 -0.16
C GLU A 36 -21.56 3.73 -0.88
N ARG A 37 -22.58 4.55 -1.15
CA ARG A 37 -22.36 5.83 -1.81
C ARG A 37 -21.63 6.76 -0.85
N GLY A 38 -21.27 7.94 -1.35
CA GLY A 38 -20.56 8.90 -0.51
C GLY A 38 -19.08 8.86 -0.82
N THR A 39 -18.26 8.76 0.23
CA THR A 39 -16.82 8.73 0.04
C THR A 39 -16.16 7.65 0.88
N ILE A 40 -14.93 7.31 0.52
CA ILE A 40 -14.14 6.33 1.25
C ILE A 40 -12.81 7.03 1.51
N THR A 41 -12.11 6.57 2.54
CA THR A 41 -10.84 7.20 2.91
C THR A 41 -9.69 6.20 2.95
N GLY A 42 -8.57 6.58 2.34
CA GLY A 42 -7.41 5.69 2.30
C GLY A 42 -6.73 5.60 3.65
N LYS A 43 -5.79 4.68 3.79
CA LYS A 43 -5.09 4.52 5.05
C LYS A 43 -4.29 5.76 5.39
N HIS A 44 -3.91 6.53 4.36
CA HIS A 44 -3.13 7.75 4.57
C HIS A 44 -3.98 9.02 4.65
N GLY A 45 -5.30 8.87 4.59
CA GLY A 45 -6.16 10.04 4.72
C GLY A 45 -6.75 10.65 3.46
N TYR A 46 -6.37 10.18 2.28
CA TYR A 46 -6.96 10.74 1.07
C TYR A 46 -8.40 10.29 0.96
N SER A 47 -9.28 11.21 0.59
CA SER A 47 -10.69 10.91 0.44
C SER A 47 -11.09 10.91 -1.02
N VAL A 48 -11.84 9.89 -1.44
CA VAL A 48 -12.29 9.80 -2.82
C VAL A 48 -13.77 9.49 -2.83
N LYS A 49 -14.47 9.96 -3.86
CA LYS A 49 -15.90 9.73 -3.95
C LYS A 49 -16.22 8.40 -4.63
N VAL A 50 -17.26 7.74 -4.13
CA VAL A 50 -17.71 6.48 -4.68
C VAL A 50 -18.69 6.80 -5.81
N ASP A 51 -18.49 6.18 -6.97
CA ASP A 51 -19.37 6.43 -8.10
C ASP A 51 -20.61 5.55 -8.06
N LEU A 52 -20.45 4.33 -7.59
CA LEU A 52 -21.56 3.40 -7.48
C LEU A 52 -21.25 2.28 -6.51
N THR A 53 -22.30 1.64 -5.99
CA THR A 53 -22.13 0.56 -5.04
C THR A 53 -21.93 -0.76 -5.77
N PHE A 54 -21.41 -1.75 -5.05
CA PHE A 54 -21.19 -3.07 -5.63
C PHE A 54 -22.49 -3.62 -6.19
N ASP A 55 -23.58 -3.45 -5.44
CA ASP A 55 -24.89 -3.94 -5.85
C ASP A 55 -25.42 -3.35 -7.16
N LYS A 56 -25.05 -2.12 -7.46
CA LYS A 56 -25.51 -1.46 -8.67
C LYS A 56 -24.61 -1.70 -9.89
N VAL A 57 -23.51 -2.42 -9.68
CA VAL A 57 -22.58 -2.70 -10.77
C VAL A 57 -23.00 -3.85 -11.67
N ASN A 58 -22.92 -3.62 -12.98
CA ASN A 58 -23.23 -4.65 -13.96
C ASN A 58 -21.89 -4.89 -14.65
N PRO A 59 -21.24 -6.04 -14.37
CA PRO A 59 -19.95 -6.39 -14.95
C PRO A 59 -19.87 -6.19 -16.46
N GLU A 60 -20.99 -6.41 -17.14
CA GLU A 60 -21.06 -6.29 -18.59
C GLU A 60 -20.93 -4.85 -19.08
N GLU A 61 -21.14 -3.88 -18.18
CA GLU A 61 -21.04 -2.48 -18.58
C GLU A 61 -19.63 -1.92 -18.46
N PHE A 62 -18.69 -2.74 -18.01
CA PHE A 62 -17.31 -2.29 -17.87
C PHE A 62 -16.35 -3.13 -18.67
N ASP A 63 -15.24 -2.53 -19.10
CA ASP A 63 -14.26 -3.22 -19.93
C ASP A 63 -12.97 -3.65 -19.25
N ALA A 64 -12.63 -3.02 -18.13
CA ALA A 64 -11.41 -3.36 -17.42
C ALA A 64 -11.60 -3.21 -15.92
N LEU A 65 -10.75 -3.89 -15.15
CA LEU A 65 -10.87 -3.87 -13.69
C LEU A 65 -9.53 -3.58 -13.02
N VAL A 66 -9.57 -2.76 -11.98
CA VAL A 66 -8.36 -2.44 -11.22
C VAL A 66 -8.61 -2.73 -9.74
N LEU A 67 -7.66 -3.44 -9.14
CA LEU A 67 -7.77 -3.81 -7.73
C LEU A 67 -6.64 -3.25 -6.88
N PRO A 68 -6.86 -2.08 -6.26
CA PRO A 68 -5.85 -1.45 -5.41
C PRO A 68 -5.60 -2.30 -4.17
N GLY A 69 -4.52 -2.01 -3.46
CA GLY A 69 -4.21 -2.76 -2.25
C GLY A 69 -4.71 -2.10 -0.98
N GLY A 70 -3.99 -2.33 0.12
CA GLY A 70 -4.38 -1.78 1.40
C GLY A 70 -5.10 -2.83 2.22
N ARG A 71 -5.91 -2.38 3.17
CA ARG A 71 -6.68 -3.30 4.01
C ARG A 71 -8.06 -3.56 3.42
N ALA A 72 -8.46 -2.73 2.46
CA ALA A 72 -9.76 -2.86 1.82
C ALA A 72 -10.07 -4.22 1.21
N PRO A 73 -9.09 -4.86 0.52
CA PRO A 73 -9.37 -6.17 -0.08
C PRO A 73 -9.90 -7.23 0.89
N GLU A 74 -9.41 -7.23 2.13
CA GLU A 74 -9.88 -8.20 3.11
C GLU A 74 -11.35 -8.04 3.47
N ARG A 75 -11.90 -6.85 3.24
CA ARG A 75 -13.30 -6.61 3.52
C ARG A 75 -14.09 -6.83 2.24
N VAL A 76 -13.53 -6.38 1.11
CA VAL A 76 -14.18 -6.53 -0.18
C VAL A 76 -14.33 -8.01 -0.57
N ARG A 77 -13.33 -8.82 -0.25
CA ARG A 77 -13.34 -10.24 -0.60
C ARG A 77 -14.41 -11.04 0.13
N LEU A 78 -15.07 -10.42 1.11
CA LEU A 78 -16.13 -11.10 1.85
C LEU A 78 -17.50 -10.70 1.30
N ASN A 79 -17.51 -9.78 0.34
CA ASN A 79 -18.76 -9.34 -0.26
C ASN A 79 -19.02 -10.16 -1.52
N GLU A 80 -20.09 -10.96 -1.48
CA GLU A 80 -20.45 -11.82 -2.59
C GLU A 80 -20.59 -11.07 -3.91
N LYS A 81 -21.23 -9.92 -3.89
CA LYS A 81 -21.42 -9.14 -5.11
C LYS A 81 -20.09 -8.66 -5.69
N ALA A 82 -19.22 -8.10 -4.85
CA ALA A 82 -17.93 -7.61 -5.33
C ALA A 82 -17.09 -8.74 -5.90
N VAL A 83 -17.07 -9.87 -5.21
CA VAL A 83 -16.30 -11.02 -5.68
C VAL A 83 -16.83 -11.54 -7.02
N SER A 84 -18.14 -11.57 -7.19
CA SER A 84 -18.72 -12.05 -8.44
C SER A 84 -18.37 -11.11 -9.59
N ILE A 85 -18.30 -9.81 -9.29
CA ILE A 85 -17.93 -8.84 -10.31
C ILE A 85 -16.55 -9.19 -10.84
N ALA A 86 -15.61 -9.38 -9.91
CA ALA A 86 -14.24 -9.72 -10.27
C ALA A 86 -14.16 -11.08 -10.95
N ARG A 87 -14.91 -12.05 -10.45
CA ARG A 87 -14.88 -13.39 -11.05
C ARG A 87 -15.33 -13.34 -12.51
N LYS A 88 -16.45 -12.67 -12.76
CA LYS A 88 -16.97 -12.56 -14.12
C LYS A 88 -16.02 -11.81 -15.06
N MSE A 89 -15.63 -10.60 -14.67
CA MSE A 89 -14.73 -9.80 -15.49
C MSE A 89 -13.41 -10.50 -15.80
O MSE A 89 -12.94 -10.50 -16.93
CB MSE A 89 -14.48 -8.43 -14.84
CG MSE A 89 -15.73 -7.53 -14.80
SE MSE A 89 -15.44 -5.81 -14.19
CE MSE A 89 -14.71 -5.05 -15.66
N PHE A 90 -12.81 -11.13 -14.78
CA PHE A 90 -11.56 -11.84 -14.95
C PHE A 90 -11.72 -13.05 -15.87
N SER A 91 -12.76 -13.84 -15.63
CA SER A 91 -13.00 -15.04 -16.43
C SER A 91 -13.38 -14.70 -17.87
N GLU A 92 -13.98 -13.53 -18.09
CA GLU A 92 -14.36 -13.11 -19.43
C GLU A 92 -13.12 -12.70 -20.22
N GLY A 93 -11.97 -12.66 -19.55
CA GLY A 93 -10.74 -12.29 -20.22
C GLY A 93 -10.49 -10.80 -20.29
N LYS A 94 -11.32 -10.02 -19.60
CA LYS A 94 -11.13 -8.57 -19.62
C LYS A 94 -9.87 -8.19 -18.85
N PRO A 95 -9.24 -7.06 -19.20
CA PRO A 95 -8.03 -6.62 -18.52
C PRO A 95 -8.26 -6.43 -17.01
N VAL A 96 -7.37 -7.01 -16.21
CA VAL A 96 -7.48 -6.89 -14.76
C VAL A 96 -6.11 -6.55 -14.18
N ALA A 97 -6.04 -5.44 -13.45
CA ALA A 97 -4.79 -5.01 -12.85
C ALA A 97 -4.88 -5.12 -11.33
N SER A 98 -3.90 -5.78 -10.72
CA SER A 98 -3.91 -5.94 -9.26
C SER A 98 -2.54 -5.59 -8.67
N ILE A 99 -2.56 -5.08 -7.46
CA ILE A 99 -1.32 -4.72 -6.78
C ILE A 99 -1.48 -4.91 -5.27
N CYS A 100 -0.38 -5.25 -4.60
CA CYS A 100 -0.36 -5.43 -3.15
C CYS A 100 -1.33 -6.51 -2.64
N HIS A 101 -2.33 -6.11 -1.87
CA HIS A 101 -3.33 -7.05 -1.36
C HIS A 101 -4.51 -7.19 -2.31
N GLY A 102 -4.55 -6.35 -3.34
CA GLY A 102 -5.64 -6.39 -4.29
C GLY A 102 -6.01 -7.78 -4.81
N PRO A 103 -5.03 -8.64 -5.13
CA PRO A 103 -5.37 -9.97 -5.63
C PRO A 103 -6.09 -10.91 -4.65
N GLN A 104 -6.19 -10.52 -3.37
CA GLN A 104 -6.90 -11.36 -2.41
C GLN A 104 -8.34 -11.51 -2.91
N ILE A 105 -8.83 -10.49 -3.61
CA ILE A 105 -10.18 -10.51 -4.16
C ILE A 105 -10.30 -11.57 -5.25
N LEU A 106 -9.24 -11.72 -6.05
CA LEU A 106 -9.22 -12.71 -7.12
C LEU A 106 -9.11 -14.11 -6.51
N ILE A 107 -8.34 -14.23 -5.43
CA ILE A 107 -8.19 -15.52 -4.76
C ILE A 107 -9.60 -15.99 -4.38
N SER A 108 -10.36 -15.10 -3.74
CA SER A 108 -11.71 -15.42 -3.31
C SER A 108 -12.66 -15.69 -4.47
N ALA A 109 -12.38 -15.12 -5.63
CA ALA A 109 -13.21 -15.33 -6.81
C ALA A 109 -12.95 -16.74 -7.34
N GLY A 110 -11.82 -17.33 -6.93
CA GLY A 110 -11.47 -18.69 -7.34
C GLY A 110 -11.02 -18.84 -8.79
N VAL A 111 -10.44 -17.79 -9.36
CA VAL A 111 -10.00 -17.82 -10.75
C VAL A 111 -8.51 -17.87 -10.99
N LEU A 112 -7.71 -17.96 -9.94
CA LEU A 112 -6.25 -17.92 -10.11
C LEU A 112 -5.46 -19.20 -10.30
N ARG A 113 -6.08 -20.37 -10.19
CA ARG A 113 -5.29 -21.59 -10.32
C ARG A 113 -4.60 -21.70 -11.67
N GLY A 114 -3.28 -21.86 -11.64
CA GLY A 114 -2.50 -21.98 -12.86
C GLY A 114 -2.03 -20.66 -13.45
N ARG A 115 -2.51 -19.55 -12.90
CA ARG A 115 -2.11 -18.24 -13.41
C ARG A 115 -0.76 -17.81 -12.84
N LYS A 116 -0.10 -16.90 -13.55
CA LYS A 116 1.21 -16.40 -13.14
C LYS A 116 1.13 -14.94 -12.75
N GLY A 117 1.61 -14.60 -11.57
CA GLY A 117 1.55 -13.24 -11.11
C GLY A 117 2.29 -13.00 -9.81
N THR A 118 2.07 -11.82 -9.23
CA THR A 118 2.74 -11.47 -7.99
C THR A 118 1.77 -10.71 -7.08
N SER A 119 2.27 -10.27 -5.94
CA SER A 119 1.43 -9.56 -4.97
C SER A 119 2.32 -9.08 -3.84
N TYR A 120 1.71 -8.54 -2.80
CA TYR A 120 2.45 -8.12 -1.63
C TYR A 120 3.14 -9.41 -1.17
N PRO A 121 4.47 -9.37 -0.99
CA PRO A 121 5.21 -10.57 -0.56
C PRO A 121 4.62 -11.27 0.65
N GLY A 122 4.01 -10.49 1.54
CA GLY A 122 3.43 -11.04 2.75
C GLY A 122 2.35 -12.08 2.54
N ILE A 123 1.70 -12.08 1.38
CA ILE A 123 0.66 -13.06 1.12
C ILE A 123 1.01 -14.00 -0.03
N LYS A 124 2.30 -14.10 -0.36
CA LYS A 124 2.72 -14.97 -1.45
C LYS A 124 2.28 -16.42 -1.19
N ASP A 125 2.32 -16.85 0.06
CA ASP A 125 1.93 -18.22 0.36
C ASP A 125 0.45 -18.47 0.12
N ASP A 126 -0.37 -17.44 0.27
CA ASP A 126 -1.80 -17.57 0.04
C ASP A 126 -2.06 -17.59 -1.46
N MSE A 127 -1.25 -16.85 -2.21
CA MSE A 127 -1.38 -16.83 -3.66
C MSE A 127 -0.99 -18.22 -4.17
O MSE A 127 -1.67 -18.81 -5.00
CB MSE A 127 -0.47 -15.75 -4.27
CG MSE A 127 -0.91 -14.30 -3.99
SE MSE A 127 -2.43 -13.80 -4.86
CE MSE A 127 -1.74 -13.34 -6.51
N ILE A 128 0.11 -18.75 -3.64
CA ILE A 128 0.58 -20.07 -4.02
C ILE A 128 -0.47 -21.13 -3.70
N ASN A 129 -1.04 -21.09 -2.50
CA ASN A 129 -2.06 -22.05 -2.09
C ASN A 129 -3.30 -21.98 -2.96
N ALA A 130 -3.47 -20.86 -3.66
CA ALA A 130 -4.61 -20.68 -4.55
C ALA A 130 -4.28 -21.18 -5.95
N GLY A 131 -3.06 -21.71 -6.14
CA GLY A 131 -2.66 -22.24 -7.43
C GLY A 131 -1.87 -21.27 -8.31
N VAL A 132 -1.45 -20.16 -7.74
CA VAL A 132 -0.69 -19.17 -8.49
C VAL A 132 0.80 -19.50 -8.51
N GLU A 133 1.44 -19.35 -9.67
CA GLU A 133 2.87 -19.56 -9.72
C GLU A 133 3.36 -18.14 -9.44
N TRP A 134 3.74 -17.91 -8.19
CA TRP A 134 4.17 -16.60 -7.73
C TRP A 134 5.55 -16.17 -8.18
N VAL A 135 5.63 -14.95 -8.71
CA VAL A 135 6.90 -14.40 -9.18
C VAL A 135 7.23 -13.12 -8.41
N ASP A 136 8.48 -12.99 -8.01
CA ASP A 136 8.90 -11.80 -7.28
C ASP A 136 9.48 -10.79 -8.28
N ALA A 137 8.60 -10.05 -8.94
CA ALA A 137 9.00 -9.05 -9.92
C ALA A 137 8.11 -7.81 -9.77
N GLU A 138 8.65 -6.65 -10.13
CA GLU A 138 7.90 -5.40 -10.03
C GLU A 138 6.59 -5.45 -10.80
N VAL A 139 6.57 -6.24 -11.87
CA VAL A 139 5.35 -6.38 -12.64
C VAL A 139 5.35 -7.69 -13.42
N VAL A 140 4.21 -8.35 -13.43
CA VAL A 140 4.06 -9.61 -14.15
C VAL A 140 2.87 -9.46 -15.07
N VAL A 141 3.02 -9.92 -16.31
CA VAL A 141 1.95 -9.86 -17.30
C VAL A 141 1.61 -11.28 -17.70
N ASP A 142 0.39 -11.71 -17.39
CA ASP A 142 -0.07 -13.05 -17.71
C ASP A 142 -1.39 -12.94 -18.44
N GLY A 143 -1.31 -12.69 -19.76
CA GLY A 143 -2.52 -12.55 -20.53
C GLY A 143 -3.26 -11.28 -20.13
N ASN A 144 -4.48 -11.44 -19.63
CA ASN A 144 -5.28 -10.29 -19.22
C ASN A 144 -4.97 -9.82 -17.80
N TRP A 145 -4.11 -10.54 -17.10
CA TRP A 145 -3.78 -10.20 -15.71
C TRP A 145 -2.40 -9.56 -15.51
N VAL A 146 -2.43 -8.28 -15.14
CA VAL A 146 -1.21 -7.52 -14.89
C VAL A 146 -1.12 -7.27 -13.38
N SER A 147 -0.08 -7.80 -12.74
CA SER A 147 0.07 -7.65 -11.30
C SER A 147 1.41 -7.09 -10.85
N SER A 148 1.37 -6.37 -9.72
CA SER A 148 2.56 -5.79 -9.12
C SER A 148 2.51 -6.03 -7.61
N ARG A 149 3.59 -5.68 -6.93
CA ARG A 149 3.71 -5.93 -5.49
C ARG A 149 3.46 -4.79 -4.51
N VAL A 150 4.18 -3.69 -4.68
CA VAL A 150 4.09 -2.55 -3.78
C VAL A 150 4.08 -1.21 -4.51
N PRO A 151 3.87 -0.10 -3.77
CA PRO A 151 3.84 1.23 -4.38
C PRO A 151 5.06 1.56 -5.23
N ALA A 152 6.21 1.00 -4.86
CA ALA A 152 7.43 1.26 -5.61
C ALA A 152 7.34 0.72 -7.04
N ASP A 153 6.41 -0.21 -7.27
CA ASP A 153 6.22 -0.81 -8.59
C ASP A 153 5.23 -0.07 -9.49
N LEU A 154 4.60 0.97 -8.95
CA LEU A 154 3.59 1.72 -9.71
C LEU A 154 3.92 2.05 -11.16
N TYR A 155 5.12 2.59 -11.41
CA TYR A 155 5.49 2.96 -12.77
C TYR A 155 5.42 1.77 -13.73
N ALA A 156 6.01 0.64 -13.32
CA ALA A 156 6.02 -0.55 -14.16
C ALA A 156 4.63 -1.17 -14.28
N TRP A 157 3.88 -1.12 -13.17
CA TRP A 157 2.53 -1.68 -13.14
C TRP A 157 1.62 -1.09 -14.21
N MSE A 158 1.46 0.23 -14.24
CA MSE A 158 0.60 0.84 -15.24
C MSE A 158 1.24 0.91 -16.61
O MSE A 158 0.56 1.05 -17.62
CB MSE A 158 0.12 2.22 -14.79
CG MSE A 158 -1.04 2.18 -13.79
SE MSE A 158 -2.62 1.50 -14.45
CE MSE A 158 -2.63 -0.13 -13.64
N ARG A 159 2.57 0.82 -16.67
CA ARG A 159 3.24 0.85 -17.97
C ARG A 159 2.70 -0.33 -18.77
N GLU A 160 2.62 -1.49 -18.11
CA GLU A 160 2.12 -2.70 -18.76
C GLU A 160 0.61 -2.70 -18.95
N PHE A 161 -0.13 -2.27 -17.92
CA PHE A 161 -1.58 -2.26 -18.03
C PHE A 161 -2.07 -1.32 -19.11
N VAL A 162 -1.42 -0.17 -19.26
CA VAL A 162 -1.80 0.79 -20.29
C VAL A 162 -1.67 0.13 -21.66
N LYS A 163 -0.58 -0.59 -21.88
CA LYS A 163 -0.35 -1.27 -23.15
C LYS A 163 -1.49 -2.25 -23.46
N LEU A 164 -1.93 -2.98 -22.44
CA LEU A 164 -3.00 -3.95 -22.60
C LEU A 164 -4.30 -3.28 -23.02
N LEU A 165 -4.53 -2.08 -22.49
CA LEU A 165 -5.75 -1.33 -22.78
C LEU A 165 -5.72 -0.63 -24.14
N LYS A 166 -4.53 -0.41 -24.68
CA LYS A 166 -4.40 0.26 -25.98
C LYS A 166 -5.07 -0.53 -27.09
N MSE B 1 15.87 11.34 -20.16
CA MSE B 1 16.09 12.72 -19.64
C MSE B 1 16.16 12.69 -18.12
O MSE B 1 15.49 11.88 -17.49
CB MSE B 1 14.96 13.63 -20.11
CG MSE B 1 15.17 15.10 -19.85
SE MSE B 1 14.04 16.17 -20.81
CE MSE B 1 14.66 15.92 -22.46
N LYS B 2 16.98 13.56 -17.54
CA LYS B 2 17.11 13.62 -16.08
C LYS B 2 16.21 14.71 -15.52
N VAL B 3 15.24 14.29 -14.70
CA VAL B 3 14.26 15.19 -14.10
C VAL B 3 14.54 15.43 -12.62
N LEU B 4 14.69 16.71 -12.26
CA LEU B 4 14.95 17.08 -10.88
C LEU B 4 13.66 17.51 -10.18
N PHE B 5 13.54 17.15 -8.92
CA PHE B 5 12.39 17.53 -8.10
C PHE B 5 12.90 18.39 -6.95
N LEU B 6 12.31 19.57 -6.75
CA LEU B 6 12.71 20.42 -5.64
C LEU B 6 11.56 20.32 -4.65
N THR B 7 11.82 19.77 -3.47
CA THR B 7 10.78 19.60 -2.48
C THR B 7 11.35 19.46 -1.06
N ALA B 8 10.50 19.09 -0.10
CA ALA B 8 10.91 18.95 1.29
C ALA B 8 9.78 18.34 2.11
N ASN B 9 9.98 18.26 3.43
CA ASN B 9 8.95 17.73 4.32
C ASN B 9 7.63 18.44 4.11
N GLU B 10 6.54 17.70 4.24
CA GLU B 10 5.19 18.22 4.08
C GLU B 10 4.78 18.50 2.65
N PHE B 11 5.38 17.79 1.70
CA PHE B 11 5.01 17.94 0.29
C PHE B 11 3.65 17.24 0.15
N GLU B 12 2.88 17.60 -0.87
CA GLU B 12 1.59 16.95 -1.08
C GLU B 12 1.99 15.59 -1.66
N ASP B 13 1.78 14.54 -0.89
CA ASP B 13 2.17 13.18 -1.27
C ASP B 13 2.00 12.76 -2.73
N VAL B 14 0.77 12.76 -3.23
CA VAL B 14 0.52 12.35 -4.61
C VAL B 14 1.08 13.28 -5.68
N GLU B 15 1.30 14.55 -5.34
CA GLU B 15 1.83 15.49 -6.33
C GLU B 15 3.32 15.25 -6.56
N LEU B 16 3.93 14.44 -5.71
CA LEU B 16 5.34 14.09 -5.86
C LEU B 16 5.41 12.66 -6.40
N ILE B 17 4.69 11.76 -5.76
CA ILE B 17 4.69 10.35 -6.16
C ILE B 17 4.14 10.10 -7.57
N TYR B 18 3.06 10.77 -7.93
CA TYR B 18 2.47 10.58 -9.26
C TYR B 18 3.46 10.92 -10.39
N PRO B 19 3.96 12.17 -10.44
CA PRO B 19 4.91 12.50 -11.53
C PRO B 19 6.18 11.65 -11.47
N TYR B 20 6.58 11.27 -10.27
CA TYR B 20 7.77 10.46 -10.08
C TYR B 20 7.65 9.14 -10.85
N HIS B 21 6.53 8.43 -10.68
CA HIS B 21 6.33 7.17 -11.38
C HIS B 21 5.93 7.36 -12.84
N ARG B 22 5.12 8.38 -13.12
CA ARG B 22 4.70 8.62 -14.49
C ARG B 22 5.91 8.88 -15.39
N LEU B 23 6.88 9.62 -14.85
CA LEU B 23 8.09 9.94 -15.60
C LEU B 23 9.02 8.74 -15.70
N LYS B 24 9.11 7.96 -14.62
CA LYS B 24 9.96 6.77 -14.64
C LYS B 24 9.44 5.78 -15.68
N GLU B 25 8.13 5.79 -15.90
CA GLU B 25 7.51 4.89 -16.88
C GLU B 25 8.10 5.14 -18.27
N GLU B 26 8.38 6.40 -18.57
CA GLU B 26 8.93 6.80 -19.86
C GLU B 26 10.42 6.52 -20.00
N GLY B 27 11.05 6.13 -18.89
CA GLY B 27 12.47 5.84 -18.94
C GLY B 27 13.32 7.02 -18.48
N HIS B 28 12.66 8.09 -18.03
CA HIS B 28 13.40 9.26 -17.54
C HIS B 28 13.97 8.95 -16.18
N GLU B 29 15.11 9.56 -15.87
CA GLU B 29 15.72 9.38 -14.56
C GLU B 29 15.18 10.51 -13.70
N VAL B 30 14.71 10.16 -12.49
CA VAL B 30 14.15 11.16 -11.59
C VAL B 30 14.98 11.27 -10.33
N TYR B 31 15.21 12.50 -9.88
CA TYR B 31 16.00 12.77 -8.69
C TYR B 31 15.28 13.69 -7.73
N ILE B 32 15.27 13.32 -6.45
CA ILE B 32 14.61 14.11 -5.42
C ILE B 32 15.67 14.94 -4.68
N ALA B 33 15.52 16.27 -4.73
CA ALA B 33 16.44 17.15 -4.04
C ALA B 33 15.73 17.87 -2.90
N SER B 34 16.39 17.95 -1.75
CA SER B 34 15.80 18.63 -0.59
C SER B 34 16.90 19.23 0.27
N PHE B 35 16.53 19.73 1.45
CA PHE B 35 17.49 20.36 2.35
C PHE B 35 18.63 19.45 2.81
N GLU B 36 18.29 18.24 3.24
CA GLU B 36 19.28 17.29 3.73
C GLU B 36 19.09 15.89 3.17
N ARG B 37 20.14 15.07 3.29
CA ARG B 37 20.08 13.69 2.83
C ARG B 37 19.14 12.93 3.77
N GLY B 38 18.84 11.69 3.41
CA GLY B 38 17.95 10.88 4.24
C GLY B 38 16.57 10.78 3.61
N THR B 39 15.54 11.04 4.40
CA THR B 39 14.18 10.97 3.88
C THR B 39 13.35 12.18 4.25
N ILE B 40 12.26 12.37 3.51
CA ILE B 40 11.34 13.46 3.77
C ILE B 40 9.96 12.81 3.80
N THR B 41 9.04 13.39 4.56
CA THR B 41 7.71 12.82 4.70
C THR B 41 6.61 13.77 4.24
N GLY B 42 5.69 13.24 3.42
CA GLY B 42 4.61 14.06 2.91
C GLY B 42 3.60 14.42 4.00
N LYS B 43 2.66 15.29 3.69
CA LYS B 43 1.67 15.69 4.67
C LYS B 43 0.79 14.51 5.08
N HIS B 44 0.64 13.54 4.18
CA HIS B 44 -0.18 12.37 4.46
C HIS B 44 0.61 11.17 4.99
N GLY B 45 1.91 11.37 5.23
CA GLY B 45 2.71 10.29 5.79
C GLY B 45 3.59 9.46 4.88
N TYR B 46 3.52 9.64 3.57
CA TYR B 46 4.38 8.85 2.69
C TYR B 46 5.82 9.33 2.83
N SER B 47 6.74 8.39 2.85
CA SER B 47 8.15 8.72 2.98
C SER B 47 8.90 8.44 1.69
N VAL B 48 9.77 9.36 1.30
CA VAL B 48 10.56 9.20 0.09
C VAL B 48 12.00 9.55 0.42
N LYS B 49 12.94 8.91 -0.28
CA LYS B 49 14.35 9.15 -0.04
C LYS B 49 14.86 10.34 -0.84
N VAL B 50 15.70 11.15 -0.20
CA VAL B 50 16.29 12.31 -0.86
C VAL B 50 17.52 11.81 -1.59
N ASP B 51 17.63 12.14 -2.87
CA ASP B 51 18.78 11.71 -3.67
C ASP B 51 19.98 12.64 -3.49
N LEU B 52 19.71 13.94 -3.36
CA LEU B 52 20.79 14.90 -3.16
C LEU B 52 20.24 16.17 -2.52
N THR B 53 21.14 16.96 -1.94
CA THR B 53 20.76 18.20 -1.28
C THR B 53 20.79 19.36 -2.27
N PHE B 54 20.12 20.45 -1.93
CA PHE B 54 20.08 21.63 -2.79
C PHE B 54 21.51 22.09 -3.08
N ASP B 55 22.34 22.10 -2.04
CA ASP B 55 23.73 22.54 -2.17
C ASP B 55 24.54 21.74 -3.19
N LYS B 56 24.24 20.46 -3.34
CA LYS B 56 24.97 19.61 -4.27
C LYS B 56 24.39 19.59 -5.68
N VAL B 57 23.32 20.33 -5.91
CA VAL B 57 22.70 20.37 -7.23
C VAL B 57 23.35 21.35 -8.19
N ASN B 58 23.66 20.86 -9.40
CA ASN B 58 24.23 21.70 -10.45
C ASN B 58 23.12 21.74 -11.49
N PRO B 59 22.43 22.88 -11.62
CA PRO B 59 21.34 23.05 -12.58
C PRO B 59 21.64 22.53 -13.98
N GLU B 60 22.89 22.67 -14.42
CA GLU B 60 23.28 22.22 -15.75
C GLU B 60 23.28 20.71 -15.93
N GLU B 61 23.27 19.98 -14.81
CA GLU B 61 23.28 18.52 -14.90
C GLU B 61 21.89 17.91 -15.00
N PHE B 62 20.85 18.75 -15.01
CA PHE B 62 19.48 18.24 -15.12
C PHE B 62 18.75 18.87 -16.30
N ASP B 63 17.88 18.09 -16.93
CA ASP B 63 17.16 18.53 -18.12
C ASP B 63 15.74 19.06 -17.91
N ALA B 64 15.11 18.67 -16.80
CA ALA B 64 13.75 19.12 -16.53
C ALA B 64 13.54 19.29 -15.03
N LEU B 65 12.51 20.03 -14.66
CA LEU B 65 12.23 20.31 -13.26
C LEU B 65 10.75 20.07 -12.91
N VAL B 66 10.51 19.50 -11.73
CA VAL B 66 9.14 19.25 -11.26
C VAL B 66 9.01 19.89 -9.88
N LEU B 67 7.95 20.66 -9.68
CA LEU B 67 7.71 21.33 -8.41
C LEU B 67 6.38 20.90 -7.81
N PRO B 68 6.40 19.90 -6.93
CA PRO B 68 5.19 19.38 -6.27
C PRO B 68 4.66 20.47 -5.32
N GLY B 69 3.42 20.30 -4.86
CA GLY B 69 2.84 21.27 -3.96
C GLY B 69 2.93 20.90 -2.49
N GLY B 70 1.92 21.31 -1.72
CA GLY B 70 1.91 21.05 -0.30
C GLY B 70 2.43 22.26 0.45
N ARG B 71 2.96 22.04 1.65
CA ARG B 71 3.51 23.14 2.47
C ARG B 71 5.00 23.33 2.20
N ALA B 72 5.63 22.34 1.58
CA ALA B 72 7.06 22.39 1.30
C ALA B 72 7.54 23.62 0.51
N PRO B 73 6.80 24.04 -0.53
CA PRO B 73 7.25 25.21 -1.31
C PRO B 73 7.53 26.47 -0.50
N GLU B 74 6.73 26.74 0.53
CA GLU B 74 6.94 27.93 1.35
C GLU B 74 8.23 27.88 2.16
N ARG B 75 8.82 26.69 2.30
CA ARG B 75 10.07 26.55 3.02
C ARG B 75 11.19 26.52 1.97
N VAL B 76 10.97 25.79 0.90
CA VAL B 76 11.96 25.69 -0.17
C VAL B 76 12.25 27.07 -0.78
N ARG B 77 11.20 27.89 -0.93
CA ARG B 77 11.35 29.22 -1.53
C ARG B 77 12.19 30.18 -0.66
N LEU B 78 12.51 29.76 0.56
CA LEU B 78 13.34 30.57 1.45
C LEU B 78 14.79 30.14 1.38
N ASN B 79 15.03 29.06 0.64
CA ASN B 79 16.39 28.56 0.47
C ASN B 79 16.90 29.17 -0.83
N GLU B 80 17.81 30.13 -0.71
CA GLU B 80 18.37 30.82 -1.86
C GLU B 80 18.93 29.91 -2.94
N LYS B 81 19.56 28.81 -2.55
CA LYS B 81 20.13 27.89 -3.52
C LYS B 81 19.03 27.19 -4.32
N ALA B 82 18.02 26.69 -3.61
CA ALA B 82 16.91 26.00 -4.28
C ALA B 82 16.24 26.96 -5.26
N VAL B 83 16.02 28.21 -4.84
CA VAL B 83 15.39 29.19 -5.71
C VAL B 83 16.26 29.49 -6.92
N SER B 84 17.58 29.53 -6.73
CA SER B 84 18.48 29.81 -7.84
C SER B 84 18.45 28.68 -8.86
N ILE B 85 18.25 27.46 -8.39
CA ILE B 85 18.18 26.29 -9.28
C ILE B 85 16.96 26.42 -10.18
N ALA B 86 15.82 26.75 -9.59
CA ALA B 86 14.58 26.91 -10.33
C ALA B 86 14.68 28.07 -11.31
N ARG B 87 15.29 29.16 -10.87
CA ARG B 87 15.43 30.33 -11.74
C ARG B 87 16.27 29.98 -12.95
N LYS B 88 17.39 29.31 -12.71
CA LYS B 88 18.31 28.93 -13.78
C LYS B 88 17.63 28.02 -14.80
N MSE B 89 17.12 26.89 -14.33
CA MSE B 89 16.46 25.92 -15.19
C MSE B 89 15.25 26.51 -15.94
O MSE B 89 15.08 26.26 -17.14
CB MSE B 89 16.04 24.69 -14.37
CG MSE B 89 17.23 23.92 -13.76
SE MSE B 89 16.81 22.32 -12.93
CE MSE B 89 16.34 21.33 -14.37
N PHE B 90 14.43 27.28 -15.25
CA PHE B 90 13.25 27.86 -15.87
C PHE B 90 13.62 28.91 -16.93
N SER B 91 14.53 29.80 -16.60
CA SER B 91 14.93 30.84 -17.54
C SER B 91 15.72 30.30 -18.73
N GLU B 92 16.30 29.11 -18.58
CA GLU B 92 17.05 28.50 -19.68
C GLU B 92 16.10 27.84 -20.68
N GLY B 93 14.82 27.81 -20.34
CA GLY B 93 13.84 27.21 -21.24
C GLY B 93 13.63 25.73 -21.06
N LYS B 94 14.21 25.15 -20.01
CA LYS B 94 14.03 23.73 -19.76
C LYS B 94 12.61 23.47 -19.29
N PRO B 95 12.05 22.29 -19.61
CA PRO B 95 10.69 22.00 -19.19
C PRO B 95 10.55 22.09 -17.67
N VAL B 96 9.50 22.76 -17.20
CA VAL B 96 9.26 22.89 -15.78
C VAL B 96 7.77 22.63 -15.52
N ALA B 97 7.49 21.70 -14.62
CA ALA B 97 6.12 21.37 -14.27
C ALA B 97 5.85 21.78 -12.82
N SER B 98 4.75 22.49 -12.60
CA SER B 98 4.39 22.93 -11.26
C SER B 98 2.91 22.64 -11.00
N ILE B 99 2.57 22.45 -9.73
CA ILE B 99 1.19 22.20 -9.36
C ILE B 99 0.95 22.66 -7.92
N CYS B 100 -0.28 23.07 -7.62
CA CYS B 100 -0.64 23.49 -6.26
C CYS B 100 0.19 24.70 -5.79
N HIS B 101 0.94 24.52 -4.70
CA HIS B 101 1.78 25.60 -4.19
C HIS B 101 3.15 25.61 -4.86
N GLY B 102 3.41 24.58 -5.65
CA GLY B 102 4.70 24.47 -6.33
C GLY B 102 5.24 25.74 -6.97
N PRO B 103 4.41 26.51 -7.69
CA PRO B 103 4.90 27.74 -8.33
C PRO B 103 5.35 28.88 -7.41
N GLN B 104 5.16 28.73 -6.09
CA GLN B 104 5.61 29.77 -5.18
C GLN B 104 7.13 29.88 -5.31
N ILE B 105 7.77 28.77 -5.66
CA ILE B 105 9.21 28.75 -5.84
C ILE B 105 9.58 29.56 -7.08
N LEU B 106 8.74 29.51 -8.11
CA LEU B 106 8.98 30.26 -9.34
C LEU B 106 8.72 31.74 -9.11
N ILE B 107 7.76 32.05 -8.25
CA ILE B 107 7.49 33.45 -7.92
C ILE B 107 8.76 34.03 -7.30
N SER B 108 9.33 33.29 -6.35
CA SER B 108 10.54 33.74 -5.67
C SER B 108 11.75 33.78 -6.61
N ALA B 109 11.71 32.99 -7.68
CA ALA B 109 12.81 32.96 -8.65
C ALA B 109 12.74 34.20 -9.54
N GLY B 110 11.58 34.86 -9.54
CA GLY B 110 11.37 36.06 -10.33
C GLY B 110 11.30 35.85 -11.83
N VAL B 111 10.84 34.67 -12.25
CA VAL B 111 10.76 34.36 -13.67
C VAL B 111 9.36 34.27 -14.28
N LEU B 112 8.34 34.69 -13.54
CA LEU B 112 6.97 34.57 -14.04
C LEU B 112 6.30 35.81 -14.64
N ARG B 113 7.00 36.94 -14.68
CA ARG B 113 6.40 38.15 -15.23
C ARG B 113 6.08 37.98 -16.72
N GLY B 114 4.81 38.18 -17.06
CA GLY B 114 4.40 38.05 -18.45
C GLY B 114 4.10 36.62 -18.88
N ARG B 115 4.19 35.67 -17.95
CA ARG B 115 3.91 34.29 -18.29
C ARG B 115 2.47 33.91 -17.95
N LYS B 116 2.01 32.80 -18.50
CA LYS B 116 0.64 32.34 -18.32
C LYS B 116 0.61 30.96 -17.70
N GLY B 117 -0.20 30.79 -16.66
CA GLY B 117 -0.28 29.49 -16.00
C GLY B 117 -1.31 29.46 -14.88
N THR B 118 -1.23 28.44 -14.04
CA THR B 118 -2.18 28.34 -12.94
C THR B 118 -1.51 27.82 -11.67
N SER B 119 -2.32 27.56 -10.64
CA SER B 119 -1.80 27.10 -9.37
C SER B 119 -2.97 26.82 -8.44
N TYR B 120 -2.66 26.49 -7.20
CA TYR B 120 -3.69 26.28 -6.19
C TYR B 120 -4.44 27.60 -6.21
N PRO B 121 -5.78 27.56 -6.34
CA PRO B 121 -6.55 28.81 -6.37
C PRO B 121 -6.33 29.73 -5.18
N GLY B 122 -5.98 29.15 -4.03
CA GLY B 122 -5.75 29.96 -2.84
C GLY B 122 -4.63 30.98 -2.94
N ILE B 123 -3.69 30.75 -3.85
CA ILE B 123 -2.59 31.70 -4.02
C ILE B 123 -2.63 32.39 -5.38
N LYS B 124 -3.80 32.36 -6.03
CA LYS B 124 -3.90 33.00 -7.34
C LYS B 124 -3.55 34.49 -7.28
N ASP B 125 -3.95 35.18 -6.21
CA ASP B 125 -3.65 36.60 -6.11
C ASP B 125 -2.15 36.86 -6.05
N ASP B 126 -1.40 35.92 -5.48
CA ASP B 126 0.05 36.07 -5.37
C ASP B 126 0.71 35.81 -6.72
N MSE B 127 0.14 34.89 -7.49
CA MSE B 127 0.67 34.59 -8.82
C MSE B 127 0.43 35.82 -9.69
O MSE B 127 1.30 36.24 -10.46
CB MSE B 127 -0.05 33.37 -9.41
CG MSE B 127 0.27 32.04 -8.72
SE MSE B 127 1.96 31.41 -9.05
CE MSE B 127 1.70 30.65 -10.70
N ILE B 128 -0.75 36.40 -9.54
CA ILE B 128 -1.13 37.59 -10.30
C ILE B 128 -0.21 38.77 -9.96
N ASN B 129 0.07 38.96 -8.67
CA ASN B 129 0.94 40.05 -8.24
C ASN B 129 2.37 39.84 -8.71
N ALA B 130 2.69 38.60 -9.10
CA ALA B 130 4.02 38.29 -9.58
C ALA B 130 4.09 38.45 -11.11
N GLY B 131 3.00 38.91 -11.71
CA GLY B 131 2.97 39.13 -13.15
C GLY B 131 2.39 38.01 -14.01
N VAL B 132 1.82 37.00 -13.36
CA VAL B 132 1.22 35.87 -14.08
C VAL B 132 -0.18 36.15 -14.60
N GLU B 133 -0.47 35.67 -15.82
CA GLU B 133 -1.81 35.77 -16.38
C GLU B 133 -2.39 34.46 -15.86
N TRP B 134 -3.07 34.51 -14.72
CA TRP B 134 -3.63 33.33 -14.07
C TRP B 134 -4.87 32.74 -14.75
N VAL B 135 -4.81 31.46 -15.07
CA VAL B 135 -5.91 30.76 -15.73
C VAL B 135 -6.48 29.67 -14.83
N ASP B 136 -7.81 29.60 -14.72
CA ASP B 136 -8.45 28.58 -13.89
C ASP B 136 -8.74 27.36 -14.76
N ALA B 137 -7.74 26.51 -14.96
CA ALA B 137 -7.90 25.30 -15.77
C ALA B 137 -7.06 24.18 -15.17
N GLU B 138 -7.46 22.94 -15.45
CA GLU B 138 -6.76 21.77 -14.93
C GLU B 138 -5.30 21.73 -15.34
N VAL B 139 -5.00 22.30 -16.50
CA VAL B 139 -3.63 22.34 -16.97
C VAL B 139 -3.44 23.49 -17.96
N VAL B 140 -2.30 24.15 -17.87
CA VAL B 140 -1.98 25.27 -18.75
C VAL B 140 -0.59 25.00 -19.28
N VAL B 141 -0.41 25.26 -20.58
CA VAL B 141 0.89 25.06 -21.20
C VAL B 141 1.34 26.39 -21.79
N ASP B 142 2.45 26.90 -21.28
CA ASP B 142 3.01 28.16 -21.76
C ASP B 142 4.49 27.93 -22.04
N GLY B 143 4.79 27.51 -23.27
CA GLY B 143 6.17 27.25 -23.63
C GLY B 143 6.70 26.08 -22.82
N ASN B 144 7.76 26.32 -22.06
CA ASN B 144 8.37 25.28 -21.25
C ASN B 144 7.66 25.09 -19.91
N TRP B 145 6.69 25.94 -19.60
CA TRP B 145 5.98 25.85 -18.32
C TRP B 145 4.60 25.20 -18.37
N VAL B 146 4.51 24.03 -17.73
CA VAL B 146 3.25 23.28 -17.65
C VAL B 146 2.79 23.37 -16.19
N SER B 147 1.63 23.97 -15.97
CA SER B 147 1.13 24.13 -14.60
C SER B 147 -0.28 23.60 -14.40
N SER B 148 -0.54 23.13 -13.17
CA SER B 148 -1.86 22.61 -12.79
C SER B 148 -2.22 23.15 -11.41
N ARG B 149 -3.46 22.90 -10.97
CA ARG B 149 -3.96 23.43 -9.70
C ARG B 149 -3.99 22.53 -8.47
N VAL B 150 -4.65 21.38 -8.61
CA VAL B 150 -4.84 20.45 -7.50
C VAL B 150 -4.65 18.99 -7.90
N PRO B 151 -4.63 18.07 -6.91
CA PRO B 151 -4.46 16.63 -7.19
C PRO B 151 -5.44 16.09 -8.24
N ALA B 152 -6.63 16.67 -8.30
CA ALA B 152 -7.62 16.22 -9.26
C ALA B 152 -7.16 16.50 -10.70
N ASP B 153 -6.14 17.34 -10.85
CA ASP B 153 -5.61 17.70 -12.17
C ASP B 153 -4.45 16.83 -12.63
N LEU B 154 -3.95 15.96 -11.76
CA LEU B 154 -2.81 15.10 -12.08
C LEU B 154 -2.78 14.50 -13.48
N TYR B 155 -3.88 13.87 -13.89
CA TYR B 155 -3.93 13.23 -15.20
C TYR B 155 -3.61 14.17 -16.35
N ALA B 156 -4.17 15.37 -16.32
CA ALA B 156 -3.93 16.35 -17.37
C ALA B 156 -2.55 16.98 -17.25
N TRP B 157 -2.12 17.19 -16.01
CA TRP B 157 -0.82 17.78 -15.71
C TRP B 157 0.31 17.01 -16.39
N MSE B 158 0.44 15.73 -16.07
CA MSE B 158 1.51 14.92 -16.68
C MSE B 158 1.22 14.58 -18.14
O MSE B 158 2.14 14.32 -18.91
CB MSE B 158 1.77 13.66 -15.87
CG MSE B 158 2.64 13.89 -14.63
SE MSE B 158 4.34 14.54 -14.99
CE MSE B 158 4.11 16.29 -14.57
N ARG B 159 -0.05 14.57 -18.53
CA ARG B 159 -0.35 14.26 -19.93
C ARG B 159 0.40 15.27 -20.78
N GLU B 160 0.32 16.54 -20.39
CA GLU B 160 0.98 17.61 -21.11
C GLU B 160 2.49 17.66 -20.90
N PHE B 161 2.95 17.40 -19.67
CA PHE B 161 4.38 17.47 -19.39
C PHE B 161 5.15 16.36 -20.10
N VAL B 162 4.55 15.18 -20.18
CA VAL B 162 5.17 14.04 -20.85
C VAL B 162 5.41 14.41 -22.33
N LYS B 163 4.42 15.06 -22.94
CA LYS B 163 4.53 15.47 -24.32
C LYS B 163 5.72 16.40 -24.52
N LEU B 164 5.96 17.26 -23.54
CA LEU B 164 7.05 18.21 -23.59
C LEU B 164 8.42 17.52 -23.55
N LEU B 165 8.53 16.45 -22.78
CA LEU B 165 9.79 15.72 -22.65
C LEU B 165 10.06 14.74 -23.79
N LYS B 166 9.04 14.48 -24.61
CA LYS B 166 9.17 13.56 -25.73
C LYS B 166 10.09 14.14 -26.79
N MSE C 1 4.67 -23.77 33.02
CA MSE C 1 4.98 -24.10 31.60
C MSE C 1 5.49 -22.85 30.88
O MSE C 1 4.98 -21.75 31.12
CB MSE C 1 3.72 -24.65 30.91
CG MSE C 1 3.96 -25.30 29.57
SE MSE C 1 2.53 -26.26 29.00
CE MSE C 1 2.66 -27.71 30.04
N LYS C 2 6.48 -23.02 30.02
CA LYS C 2 7.05 -21.88 29.28
C LYS C 2 6.32 -21.65 27.96
N VAL C 3 5.68 -20.48 27.86
CA VAL C 3 4.92 -20.11 26.67
C VAL C 3 5.64 -19.07 25.82
N LEU C 4 5.78 -19.37 24.53
CA LEU C 4 6.44 -18.48 23.58
C LEU C 4 5.43 -17.75 22.69
N PHE C 5 5.69 -16.46 22.45
CA PHE C 5 4.84 -15.64 21.59
C PHE C 5 5.66 -15.21 20.38
N LEU C 6 5.15 -15.44 19.18
CA LEU C 6 5.83 -15.03 17.97
C LEU C 6 5.05 -13.81 17.46
N THR C 7 5.67 -12.64 17.50
CA THR C 7 4.98 -11.43 17.07
C THR C 7 5.95 -10.36 16.58
N ALA C 8 5.45 -9.15 16.37
CA ALA C 8 6.28 -8.04 15.90
C ALA C 8 5.48 -6.75 15.92
N ASN C 9 6.09 -5.66 15.43
CA ASN C 9 5.41 -4.38 15.38
C ASN C 9 4.06 -4.53 14.69
N GLU C 10 3.10 -3.70 15.10
CA GLU C 10 1.76 -3.71 14.54
C GLU C 10 0.93 -4.94 14.87
N PHE C 11 1.21 -5.54 16.03
CA PHE C 11 0.45 -6.69 16.48
C PHE C 11 -0.88 -6.12 16.99
N GLU C 12 -1.92 -6.94 17.05
CA GLU C 12 -3.20 -6.46 17.58
C GLU C 12 -2.97 -6.43 19.08
N ASP C 13 -2.91 -5.23 19.64
CA ASP C 13 -2.62 -5.03 21.05
C ASP C 13 -3.22 -5.98 22.08
N VAL C 14 -4.55 -6.04 22.16
CA VAL C 14 -5.18 -6.91 23.14
C VAL C 14 -4.98 -8.40 22.89
N GLU C 15 -4.75 -8.79 21.63
CA GLU C 15 -4.56 -10.21 21.33
C GLU C 15 -3.22 -10.70 21.83
N LEU C 16 -2.35 -9.77 22.20
CA LEU C 16 -1.04 -10.12 22.73
C LEU C 16 -1.08 -9.93 24.25
N ILE C 17 -1.51 -8.75 24.68
CA ILE C 17 -1.59 -8.41 26.10
C ILE C 17 -2.52 -9.31 26.92
N TYR C 18 -3.67 -9.66 26.37
CA TYR C 18 -4.61 -10.51 27.11
C TYR C 18 -4.03 -11.88 27.46
N PRO C 19 -3.60 -12.67 26.45
CA PRO C 19 -3.04 -13.98 26.76
C PRO C 19 -1.77 -13.91 27.59
N TYR C 20 -1.00 -12.84 27.41
CA TYR C 20 0.23 -12.67 28.15
C TYR C 20 -0.06 -12.66 29.66
N HIS C 21 -1.00 -11.82 30.07
CA HIS C 21 -1.35 -11.74 31.48
C HIS C 21 -2.18 -12.93 31.97
N ARG C 22 -3.07 -13.42 31.12
CA ARG C 22 -3.91 -14.56 31.51
C ARG C 22 -3.08 -15.78 31.85
N LEU C 23 -2.04 -16.02 31.07
CA LEU C 23 -1.17 -17.17 31.29
C LEU C 23 -0.21 -16.92 32.44
N LYS C 24 0.21 -15.67 32.58
CA LYS C 24 1.12 -15.31 33.66
C LYS C 24 0.38 -15.54 34.98
N GLU C 25 -0.93 -15.30 34.98
CA GLU C 25 -1.74 -15.50 36.18
C GLU C 25 -1.67 -16.93 36.68
N GLU C 26 -1.64 -17.88 35.75
CA GLU C 26 -1.59 -19.31 36.08
C GLU C 26 -0.23 -19.76 36.59
N GLY C 27 0.78 -18.91 36.43
CA GLY C 27 2.11 -19.26 36.89
C GLY C 27 3.04 -19.62 35.74
N HIS C 28 2.51 -19.61 34.52
CA HIS C 28 3.32 -19.93 33.35
C HIS C 28 4.30 -18.81 33.06
N GLU C 29 5.45 -19.17 32.49
CA GLU C 29 6.46 -18.18 32.14
C GLU C 29 6.16 -17.79 30.69
N VAL C 30 6.02 -16.49 30.45
CA VAL C 30 5.70 -16.00 29.12
C VAL C 30 6.89 -15.26 28.49
N TYR C 31 7.17 -15.58 27.24
CA TYR C 31 8.28 -14.97 26.52
C TYR C 31 7.85 -14.37 25.19
N ILE C 32 8.24 -13.12 24.95
CA ILE C 32 7.93 -12.44 23.71
C ILE C 32 9.13 -12.50 22.78
N ALA C 33 8.93 -13.08 21.60
CA ALA C 33 10.01 -13.19 20.61
C ALA C 33 9.65 -12.39 19.37
N SER C 34 10.62 -11.68 18.81
CA SER C 34 10.40 -10.88 17.61
C SER C 34 11.69 -10.80 16.80
N PHE C 35 11.71 -9.92 15.81
CA PHE C 35 12.89 -9.77 14.96
C PHE C 35 14.13 -9.30 15.71
N GLU C 36 13.97 -8.27 16.53
CA GLU C 36 15.10 -7.71 17.27
C GLU C 36 14.74 -7.42 18.73
N ARG C 37 15.76 -7.28 19.57
CA ARG C 37 15.53 -6.98 20.97
C ARG C 37 15.01 -5.57 21.07
N GLY C 38 14.64 -5.16 22.27
CA GLY C 38 14.11 -3.82 22.47
C GLY C 38 12.62 -3.89 22.71
N THR C 39 11.86 -3.06 22.00
CA THR C 39 10.41 -3.06 22.17
C THR C 39 9.71 -3.05 20.83
N ILE C 40 8.43 -3.45 20.84
CA ILE C 40 7.61 -3.45 19.64
C ILE C 40 6.32 -2.74 20.02
N THR C 41 5.66 -2.15 19.04
CA THR C 41 4.43 -1.42 19.31
C THR C 41 3.24 -1.94 18.52
N GLY C 42 2.11 -2.08 19.20
CA GLY C 42 0.90 -2.58 18.54
C GLY C 42 0.18 -1.55 17.71
N LYS C 43 -0.80 -2.04 16.93
CA LYS C 43 -1.61 -1.18 16.07
C LYS C 43 -2.20 0.00 16.83
N HIS C 44 -2.53 -0.22 18.10
CA HIS C 44 -3.13 0.81 18.93
C HIS C 44 -2.18 1.60 19.83
N GLY C 45 -0.88 1.39 19.67
CA GLY C 45 0.07 2.15 20.46
C GLY C 45 0.68 1.50 21.70
N TYR C 46 0.14 0.38 22.16
CA TYR C 46 0.71 -0.26 23.33
C TYR C 46 2.10 -0.78 23.02
N SER C 47 3.02 -0.55 23.94
CA SER C 47 4.40 -0.99 23.78
C SER C 47 4.75 -2.13 24.72
N VAL C 48 5.46 -3.13 24.20
CA VAL C 48 5.88 -4.26 25.01
C VAL C 48 7.34 -4.57 24.69
N LYS C 49 8.06 -5.08 25.67
CA LYS C 49 9.47 -5.41 25.47
C LYS C 49 9.65 -6.79 24.88
N VAL C 50 10.66 -6.93 24.03
CA VAL C 50 10.97 -8.21 23.40
C VAL C 50 11.95 -8.95 24.31
N ASP C 51 11.65 -10.21 24.60
CA ASP C 51 12.51 -11.01 25.46
C ASP C 51 13.69 -11.62 24.71
N LEU C 52 13.45 -12.10 23.49
CA LEU C 52 14.51 -12.69 22.68
C LEU C 52 14.15 -12.63 21.20
N THR C 53 15.17 -12.72 20.34
CA THR C 53 14.93 -12.67 18.91
C THR C 53 14.61 -14.06 18.38
N PHE C 54 14.01 -14.12 17.20
CA PHE C 54 13.65 -15.40 16.59
C PHE C 54 14.87 -16.31 16.51
N ASP C 55 15.99 -15.74 16.07
CA ASP C 55 17.24 -16.49 15.91
C ASP C 55 17.74 -17.15 17.20
N LYS C 56 17.50 -16.50 18.33
CA LYS C 56 17.95 -17.05 19.62
C LYS C 56 16.95 -18.02 20.22
N VAL C 57 15.85 -18.25 19.52
CA VAL C 57 14.82 -19.17 20.03
C VAL C 57 15.08 -20.62 19.68
N ASN C 58 15.06 -21.47 20.70
CA ASN C 58 15.24 -22.91 20.51
C ASN C 58 13.90 -23.53 20.88
N PRO C 59 13.13 -23.96 19.88
CA PRO C 59 11.81 -24.59 20.04
C PRO C 59 11.71 -25.62 21.14
N GLU C 60 12.78 -26.39 21.31
CA GLU C 60 12.80 -27.44 22.33
C GLU C 60 12.78 -26.89 23.74
N GLU C 61 13.06 -25.61 23.88
CA GLU C 61 13.07 -24.97 25.19
C GLU C 61 11.69 -24.47 25.62
N PHE C 62 10.73 -24.43 24.71
CA PHE C 62 9.40 -23.95 25.05
C PHE C 62 8.34 -25.04 24.96
N ASP C 63 7.29 -24.91 25.78
CA ASP C 63 6.23 -25.91 25.84
C ASP C 63 4.93 -25.56 25.12
N ALA C 64 4.70 -24.27 24.86
CA ALA C 64 3.49 -23.85 24.17
C ALA C 64 3.76 -22.61 23.33
N LEU C 65 2.89 -22.38 22.35
CA LEU C 65 3.05 -21.25 21.44
C LEU C 65 1.76 -20.43 21.33
N VAL C 66 1.90 -19.12 21.27
CA VAL C 66 0.75 -18.23 21.13
C VAL C 66 1.01 -17.31 19.94
N LEU C 67 0.03 -17.22 19.04
CA LEU C 67 0.18 -16.40 17.84
C LEU C 67 -0.89 -15.31 17.77
N PRO C 68 -0.56 -14.10 18.25
CA PRO C 68 -1.50 -12.97 18.24
C PRO C 68 -1.74 -12.50 16.80
N GLY C 69 -2.80 -11.73 16.60
CA GLY C 69 -3.11 -11.24 15.26
C GLY C 69 -2.53 -9.88 14.92
N GLY C 70 -3.23 -9.14 14.06
CA GLY C 70 -2.76 -7.84 13.63
C GLY C 70 -2.09 -7.93 12.29
N ARG C 71 -1.25 -6.95 11.97
CA ARG C 71 -0.52 -6.93 10.70
C ARG C 71 0.81 -7.65 10.84
N ALA C 72 1.24 -7.90 12.09
CA ALA C 72 2.50 -8.56 12.36
C ALA C 72 2.68 -9.94 11.71
N PRO C 73 1.64 -10.80 11.75
CA PRO C 73 1.79 -12.12 11.14
C PRO C 73 2.29 -12.11 9.69
N GLU C 74 1.84 -11.12 8.91
CA GLU C 74 2.26 -11.04 7.52
C GLU C 74 3.74 -10.70 7.33
N ARG C 75 4.37 -10.21 8.38
CA ARG C 75 5.80 -9.90 8.31
C ARG C 75 6.53 -11.08 8.91
N VAL C 76 6.01 -11.60 10.02
CA VAL C 76 6.60 -12.73 10.70
C VAL C 76 6.63 -13.99 9.84
N ARG C 77 5.57 -14.20 9.05
CA ARG C 77 5.48 -15.37 8.19
C ARG C 77 6.53 -15.39 7.08
N LEU C 78 7.26 -14.28 6.93
CA LEU C 78 8.30 -14.19 5.91
C LEU C 78 9.67 -14.47 6.51
N ASN C 79 9.71 -14.68 7.82
CA ASN C 79 10.96 -14.97 8.50
C ASN C 79 11.08 -16.50 8.62
N GLU C 80 12.10 -17.04 7.97
CA GLU C 80 12.33 -18.48 7.97
C GLU C 80 12.43 -19.07 9.37
N LYS C 81 13.23 -18.46 10.23
CA LYS C 81 13.38 -18.98 11.58
C LYS C 81 12.05 -19.00 12.34
N ALA C 82 11.33 -17.88 12.30
CA ALA C 82 10.04 -17.79 12.99
C ALA C 82 9.09 -18.88 12.51
N VAL C 83 9.02 -19.06 11.19
CA VAL C 83 8.15 -20.08 10.62
C VAL C 83 8.57 -21.48 11.04
N SER C 84 9.88 -21.73 11.09
CA SER C 84 10.38 -23.03 11.48
C SER C 84 10.06 -23.31 12.95
N ILE C 85 10.09 -22.26 13.78
CA ILE C 85 9.77 -22.42 15.19
C ILE C 85 8.33 -22.92 15.32
N ALA C 86 7.41 -22.24 14.62
CA ALA C 86 6.01 -22.60 14.64
C ALA C 86 5.78 -24.00 14.09
N ARG C 87 6.44 -24.31 12.97
CA ARG C 87 6.28 -25.62 12.36
C ARG C 87 6.70 -26.73 13.33
N LYS C 88 7.86 -26.57 13.95
CA LYS C 88 8.36 -27.57 14.90
C LYS C 88 7.40 -27.78 16.07
N MSE C 89 7.13 -26.71 16.80
CA MSE C 89 6.24 -26.77 17.96
C MSE C 89 4.86 -27.35 17.62
O MSE C 89 4.35 -28.20 18.34
CB MSE C 89 6.12 -25.38 18.61
CG MSE C 89 7.43 -24.87 19.21
SE MSE C 89 7.38 -23.26 20.11
CE MSE C 89 6.64 -23.79 21.68
N PHE C 90 4.27 -26.88 16.53
CA PHE C 90 2.96 -27.38 16.12
C PHE C 90 3.05 -28.88 15.79
N SER C 91 4.06 -29.24 15.00
CA SER C 91 4.28 -30.62 14.60
C SER C 91 4.49 -31.55 15.79
N GLU C 92 5.20 -31.07 16.81
CA GLU C 92 5.47 -31.87 18.00
C GLU C 92 4.21 -32.11 18.82
N GLY C 93 3.14 -31.41 18.47
CA GLY C 93 1.90 -31.60 19.20
C GLY C 93 1.79 -30.70 20.43
N LYS C 94 2.65 -29.70 20.52
CA LYS C 94 2.61 -28.78 21.64
C LYS C 94 1.43 -27.84 21.47
N PRO C 95 0.83 -27.39 22.58
CA PRO C 95 -0.32 -26.49 22.49
C PRO C 95 0.02 -25.23 21.71
N VAL C 96 -0.84 -24.87 20.76
CA VAL C 96 -0.64 -23.68 19.95
C VAL C 96 -1.96 -22.90 19.90
N ALA C 97 -1.92 -21.64 20.32
CA ALA C 97 -3.10 -20.79 20.32
C ALA C 97 -2.92 -19.72 19.25
N SER C 98 -3.93 -19.54 18.42
CA SER C 98 -3.87 -18.54 17.36
C SER C 98 -5.18 -17.76 17.31
N ILE C 99 -5.10 -16.51 16.91
CA ILE C 99 -6.29 -15.67 16.78
C ILE C 99 -6.09 -14.62 15.69
N CYS C 100 -7.19 -14.24 15.03
CA CYS C 100 -7.16 -13.22 13.98
C CYS C 100 -6.27 -13.61 12.80
N HIS C 101 -5.22 -12.82 12.53
CA HIS C 101 -4.31 -13.13 11.44
C HIS C 101 -3.17 -14.04 11.90
N GLY C 102 -3.13 -14.32 13.19
CA GLY C 102 -2.08 -15.18 13.73
C GLY C 102 -1.82 -16.46 12.98
N PRO C 103 -2.87 -17.21 12.57
CA PRO C 103 -2.66 -18.47 11.85
C PRO C 103 -2.03 -18.35 10.46
N GLN C 104 -1.77 -17.13 9.99
CA GLN C 104 -1.12 -16.96 8.69
C GLN C 104 0.28 -17.56 8.81
N ILE C 105 0.81 -17.56 10.02
CA ILE C 105 2.14 -18.11 10.30
C ILE C 105 2.09 -19.63 10.19
N LEU C 106 0.97 -20.21 10.62
CA LEU C 106 0.79 -21.66 10.56
C LEU C 106 0.58 -22.08 9.10
N ILE C 107 -0.05 -21.22 8.32
CA ILE C 107 -0.28 -21.49 6.91
C ILE C 107 1.09 -21.63 6.27
N SER C 108 1.96 -20.65 6.51
CA SER C 108 3.31 -20.65 5.94
C SER C 108 4.16 -21.81 6.44
N ALA C 109 3.85 -22.31 7.63
CA ALA C 109 4.60 -23.42 8.20
C ALA C 109 4.19 -24.73 7.53
N GLY C 110 3.08 -24.70 6.80
CA GLY C 110 2.58 -25.87 6.11
C GLY C 110 2.10 -27.01 7.00
N VAL C 111 1.53 -26.67 8.15
CA VAL C 111 1.06 -27.67 9.09
C VAL C 111 -0.46 -27.79 9.23
N LEU C 112 -1.22 -26.95 8.54
CA LEU C 112 -2.67 -26.97 8.68
C LEU C 112 -3.46 -27.88 7.76
N ARG C 113 -2.78 -28.56 6.84
CA ARG C 113 -3.43 -29.46 5.90
C ARG C 113 -4.26 -30.52 6.63
N GLY C 114 -5.56 -30.51 6.42
CA GLY C 114 -6.44 -31.48 7.07
C GLY C 114 -6.84 -31.15 8.50
N ARG C 115 -6.48 -29.96 8.97
CA ARG C 115 -6.82 -29.57 10.34
C ARG C 115 -8.11 -28.74 10.36
N LYS C 116 -8.62 -28.50 11.56
CA LYS C 116 -9.85 -27.75 11.72
C LYS C 116 -9.65 -26.56 12.67
N GLY C 117 -10.07 -25.38 12.23
CA GLY C 117 -9.90 -24.21 13.05
C GLY C 117 -10.59 -22.99 12.47
N THR C 118 -10.26 -21.82 13.01
CA THR C 118 -10.87 -20.59 12.53
C THR C 118 -9.83 -19.47 12.50
N SER C 119 -10.28 -18.26 12.18
CA SER C 119 -9.39 -17.12 12.10
C SER C 119 -10.21 -15.88 11.78
N TYR C 120 -9.52 -14.78 11.51
CA TYR C 120 -10.18 -13.55 11.12
C TYR C 120 -10.94 -13.99 9.87
N PRO C 121 -12.24 -13.69 9.78
CA PRO C 121 -13.03 -14.09 8.61
C PRO C 121 -12.47 -13.63 7.27
N GLY C 122 -11.78 -12.48 7.28
CA GLY C 122 -11.21 -11.93 6.06
C GLY C 122 -10.24 -12.85 5.34
N ILE C 123 -9.63 -13.79 6.05
CA ILE C 123 -8.69 -14.70 5.42
C ILE C 123 -9.17 -16.16 5.44
N LYS C 124 -10.48 -16.37 5.59
CA LYS C 124 -11.01 -17.73 5.60
C LYS C 124 -10.66 -18.48 4.32
N ASP C 125 -10.69 -17.79 3.18
CA ASP C 125 -10.36 -18.43 1.91
C ASP C 125 -8.91 -18.90 1.85
N ASP C 126 -8.03 -18.20 2.55
CA ASP C 126 -6.62 -18.58 2.56
C ASP C 126 -6.42 -19.78 3.47
N MSE C 127 -7.22 -19.84 4.54
CA MSE C 127 -7.14 -20.95 5.46
C MSE C 127 -7.66 -22.19 4.71
O MSE C 127 -7.04 -23.26 4.74
CB MSE C 127 -7.99 -20.68 6.71
CG MSE C 127 -7.44 -19.55 7.61
SE MSE C 127 -5.92 -19.99 8.53
CE MSE C 127 -6.63 -20.94 9.90
N ILE C 128 -8.79 -22.03 4.03
CA ILE C 128 -9.39 -23.13 3.26
C ILE C 128 -8.40 -23.63 2.20
N ASN C 129 -7.78 -22.70 1.47
CA ASN C 129 -6.82 -23.09 0.43
C ASN C 129 -5.60 -23.78 0.99
N ALA C 130 -5.33 -23.60 2.28
CA ALA C 130 -4.19 -24.25 2.93
C ALA C 130 -4.60 -25.64 3.43
N GLY C 131 -5.89 -25.97 3.29
CA GLY C 131 -6.37 -27.27 3.72
C GLY C 131 -7.10 -27.28 5.05
N VAL C 132 -7.51 -26.12 5.53
CA VAL C 132 -8.23 -26.06 6.80
C VAL C 132 -9.73 -26.14 6.62
N GLU C 133 -10.39 -26.88 7.50
CA GLU C 133 -11.84 -26.94 7.48
C GLU C 133 -12.18 -25.76 8.38
N TRP C 134 -12.52 -24.63 7.76
CA TRP C 134 -12.79 -23.40 8.48
C TRP C 134 -14.16 -23.35 9.18
N VAL C 135 -14.13 -23.05 10.47
CA VAL C 135 -15.34 -22.99 11.28
C VAL C 135 -15.58 -21.55 11.77
N ASP C 136 -16.83 -21.09 11.67
CA ASP C 136 -17.17 -19.76 12.12
C ASP C 136 -17.64 -19.86 13.58
N ALA C 137 -16.68 -20.05 14.48
CA ALA C 137 -16.98 -20.17 15.91
C ALA C 137 -16.01 -19.30 16.71
N GLU C 138 -16.45 -18.84 17.89
CA GLU C 138 -15.62 -17.97 18.71
C GLU C 138 -14.33 -18.67 19.12
N VAL C 139 -14.38 -19.98 19.24
CA VAL C 139 -13.19 -20.75 19.59
C VAL C 139 -13.36 -22.16 19.04
N VAL C 140 -12.26 -22.71 18.53
CA VAL C 140 -12.26 -24.06 18.00
C VAL C 140 -11.08 -24.80 18.61
N VAL C 141 -11.30 -26.04 19.01
CA VAL C 141 -10.25 -26.85 19.58
C VAL C 141 -10.03 -28.08 18.72
N ASP C 142 -8.86 -28.18 18.11
CA ASP C 142 -8.53 -29.31 17.26
C ASP C 142 -7.22 -29.89 17.78
N GLY C 143 -7.33 -30.82 18.71
CA GLY C 143 -6.13 -31.42 19.28
C GLY C 143 -5.35 -30.36 20.03
N ASN C 144 -4.12 -30.14 19.60
CA ASN C 144 -3.23 -29.15 20.23
C ASN C 144 -3.49 -27.73 19.73
N TRP C 145 -4.30 -27.59 18.69
CA TRP C 145 -4.56 -26.27 18.11
C TRP C 145 -5.86 -25.60 18.56
N VAL C 146 -5.72 -24.51 19.30
CA VAL C 146 -6.87 -23.73 19.79
C VAL C 146 -6.91 -22.42 19.00
N SER C 147 -7.98 -22.21 18.25
CA SER C 147 -8.08 -21.00 17.43
C SER C 147 -9.32 -20.16 17.65
N SER C 148 -9.17 -18.86 17.49
CA SER C 148 -10.26 -17.91 17.63
C SER C 148 -10.22 -16.89 16.50
N ARG C 149 -11.25 -16.06 16.40
CA ARG C 149 -11.37 -15.09 15.31
C ARG C 149 -10.99 -13.63 15.55
N VAL C 150 -11.69 -13.00 16.49
CA VAL C 150 -11.49 -11.59 16.78
C VAL C 150 -11.38 -11.29 18.28
N PRO C 151 -11.04 -10.03 18.65
CA PRO C 151 -10.90 -9.66 20.06
C PRO C 151 -12.10 -10.04 20.93
N ALA C 152 -13.30 -10.05 20.33
CA ALA C 152 -14.50 -10.39 21.06
C ALA C 152 -14.48 -11.84 21.55
N ASP C 153 -13.61 -12.64 20.95
CA ASP C 153 -13.50 -14.06 21.30
C ASP C 153 -12.48 -14.35 22.40
N LEU C 154 -11.75 -13.33 22.85
CA LEU C 154 -10.72 -13.52 23.86
C LEU C 154 -11.07 -14.43 25.04
N TYR C 155 -12.20 -14.18 25.68
CA TYR C 155 -12.60 -14.97 26.84
C TYR C 155 -12.67 -16.47 26.55
N ALA C 156 -13.29 -16.84 25.43
CA ALA C 156 -13.41 -18.25 25.08
C ALA C 156 -12.07 -18.82 24.63
N TRP C 157 -11.29 -18.00 23.93
CA TRP C 157 -9.98 -18.38 23.42
C TRP C 157 -9.06 -18.91 24.52
N MSE C 158 -8.77 -18.08 25.53
CA MSE C 158 -7.90 -18.51 26.61
C MSE C 158 -8.58 -19.49 27.55
O MSE C 158 -7.91 -20.28 28.21
CB MSE C 158 -7.36 -17.30 27.39
CG MSE C 158 -6.19 -16.62 26.71
SE MSE C 158 -4.73 -17.70 26.48
CE MSE C 158 -4.90 -18.16 24.72
N ARG C 159 -9.91 -19.45 27.62
CA ARG C 159 -10.61 -20.40 28.48
C ARG C 159 -10.23 -21.81 28.03
N GLU C 160 -10.23 -22.04 26.72
CA GLU C 160 -9.89 -23.36 26.20
C GLU C 160 -8.39 -23.63 26.23
N PHE C 161 -7.59 -22.61 25.94
CA PHE C 161 -6.13 -22.81 25.94
C PHE C 161 -5.60 -23.11 27.33
N VAL C 162 -6.13 -22.41 28.34
CA VAL C 162 -5.69 -22.64 29.71
C VAL C 162 -5.93 -24.10 30.08
N LYS C 163 -7.09 -24.63 29.70
CA LYS C 163 -7.43 -26.03 29.99
C LYS C 163 -6.40 -26.95 29.36
N LEU C 164 -6.00 -26.63 28.14
CA LEU C 164 -5.02 -27.44 27.42
C LEU C 164 -3.68 -27.48 28.15
N LEU C 165 -3.30 -26.36 28.76
CA LEU C 165 -2.03 -26.25 29.48
C LEU C 165 -2.09 -26.80 30.90
N LYS C 166 -3.29 -26.99 31.44
CA LYS C 166 -3.43 -27.49 32.79
C LYS C 166 -2.84 -28.89 32.95
S SO4 D . 3.91 42.89 -13.55
O1 SO4 D . 3.83 43.16 -12.09
O2 SO4 D . 4.75 41.69 -13.78
O3 SO4 D . 2.54 42.65 -14.06
O4 SO4 D . 4.50 44.07 -14.23
#